data_7N63
#
_entry.id   7N63
#
_cell.length_a   61.005
_cell.length_b   150.766
_cell.length_c   91.058
_cell.angle_alpha   90.000
_cell.angle_beta   90.000
_cell.angle_gamma   90.000
#
_symmetry.space_group_name_H-M   'C 2 2 21'
#
loop_
_entity.id
_entity.type
_entity.pdbx_description
1 polymer 'Putative aminotransferase'
2 non-polymer '(2R,3R,4S,5S,6R)-3,5-dihydroxy-4-{[(1E)-{3-hydroxy-2-methyl-5-[(phosphonooxy)methyl]pyridin-4-yl}methylidene]amino}-6-methyltetrahydro-2H-pyran-2-yl [(2R,3S,5R)-3-hydroxy-5-(5-methyl-2,4-dioxo-3,4-dihydropyrimidin-1(2H)-yl)tetrahydrofuran-2-yl]methyl dihydrogen diphosphate'
3 non-polymer 'MAGNESIUM ION'
4 non-polymer 1,2-ETHANEDIOL
5 non-polymer 'CHLORIDE ION'
6 water water
#
_entity_poly.entity_id   1
_entity_poly.type   'polypeptide(L)'
_entity_poly.pdbx_seq_one_letter_code
;MIKFLDLHKINQRFKSEIDLAIREVLESGWYLLGEKNKAFEENFAKYCETKFSVGCANGLDALHLAIRAYDFPKDSEIIV
PANTYIASILAISNCGLKPILVEPNLETYNIDADLIEAKITEKTKAIVVVHLYGQAVEMEKIWELAKKYNLKIIEDCAQA
HGAIYQGKKVGNLGDIGCFSFYPGKNLGALGDGGCITTNDEEMATKIRAIANYGSLIKYENIYKGLNSRLDEIQAAILDL
KLQFLDADNQQRREIAKIYRENIKNEKIILPKPYEEESHVWHLFVIRTKDRDKLQEYLKIKGIQTLIHYPIPPHKQNAYK
EWNNLSFPITEKIHKEVLSLPISPVMNKEEAFYIAQILNEFLEHHHHHH
;
_entity_poly.pdbx_strand_id   A
#
# COMPACT_ATOMS: atom_id res chain seq x y z
N MET A 1 17.27 -20.00 -10.27
CA MET A 1 16.72 -18.64 -10.40
C MET A 1 16.29 -18.22 -8.98
N ILE A 2 16.84 -17.13 -8.46
CA ILE A 2 16.30 -16.52 -7.22
C ILE A 2 14.98 -15.82 -7.59
N LYS A 3 13.89 -16.25 -6.97
CA LYS A 3 12.56 -15.66 -7.27
C LYS A 3 12.41 -14.29 -6.61
N PHE A 4 11.71 -13.41 -7.31
CA PHE A 4 11.40 -12.04 -6.82
C PHE A 4 10.53 -12.14 -5.55
N LEU A 5 9.51 -12.98 -5.61
CA LEU A 5 8.51 -13.12 -4.53
C LEU A 5 7.86 -14.49 -4.64
N ASP A 6 8.24 -15.40 -3.76
CA ASP A 6 7.73 -16.79 -3.85
C ASP A 6 6.50 -16.96 -2.95
N LEU A 7 5.30 -16.74 -3.52
CA LEU A 7 4.07 -16.76 -2.71
C LEU A 7 3.78 -18.20 -2.26
N HIS A 8 4.06 -19.20 -3.09
CA HIS A 8 3.84 -20.59 -2.62
C HIS A 8 4.65 -20.82 -1.34
N LYS A 9 5.90 -20.39 -1.31
CA LYS A 9 6.76 -20.62 -0.13
C LYS A 9 6.28 -19.80 1.06
N ILE A 10 5.85 -18.56 0.83
CA ILE A 10 5.25 -17.73 1.91
C ILE A 10 4.07 -18.48 2.52
N ASN A 11 3.16 -19.02 1.70
CA ASN A 11 1.87 -19.54 2.21
C ASN A 11 2.03 -20.99 2.66
N GLN A 12 3.07 -21.68 2.22
CA GLN A 12 3.31 -23.11 2.58
C GLN A 12 3.56 -23.20 4.10
N ARG A 13 4.09 -22.16 4.72
CA ARG A 13 4.34 -22.14 6.18
C ARG A 13 3.04 -22.35 6.96
N PHE A 14 1.90 -22.02 6.35
CA PHE A 14 0.58 -22.03 7.04
C PHE A 14 -0.34 -23.09 6.44
N LYS A 15 0.25 -24.10 5.76
CA LYS A 15 -0.58 -25.02 4.96
C LYS A 15 -1.71 -25.64 5.82
N SER A 16 -1.39 -26.22 6.97
CA SER A 16 -2.43 -26.94 7.76
CA SER A 16 -2.38 -26.93 7.83
C SER A 16 -3.43 -25.93 8.33
N GLU A 17 -2.97 -24.76 8.78
CA GLU A 17 -3.85 -23.74 9.38
C GLU A 17 -4.79 -23.17 8.32
N ILE A 18 -4.30 -22.94 7.09
CA ILE A 18 -5.15 -22.41 6.00
C ILE A 18 -6.22 -23.47 5.66
N ASP A 19 -5.80 -24.73 5.55
CA ASP A 19 -6.79 -25.82 5.30
C ASP A 19 -7.90 -25.78 6.37
N LEU A 20 -7.53 -25.71 7.66
CA LEU A 20 -8.54 -25.76 8.77
C LEU A 20 -9.41 -24.51 8.69
N ALA A 21 -8.81 -23.34 8.44
CA ALA A 21 -9.60 -22.09 8.40
C ALA A 21 -10.59 -22.16 7.22
N ILE A 22 -10.18 -22.63 6.04
CA ILE A 22 -11.11 -22.68 4.89
C ILE A 22 -12.24 -23.68 5.23
N ARG A 23 -11.88 -24.83 5.79
CA ARG A 23 -12.89 -25.86 6.12
C ARG A 23 -13.86 -25.31 7.15
N GLU A 24 -13.44 -24.49 8.10
CA GLU A 24 -14.39 -23.92 9.09
C GLU A 24 -15.40 -23.05 8.35
N VAL A 25 -14.96 -22.22 7.41
CA VAL A 25 -15.92 -21.40 6.64
C VAL A 25 -16.87 -22.32 5.85
N LEU A 26 -16.33 -23.33 5.17
CA LEU A 26 -17.19 -24.19 4.32
C LEU A 26 -18.25 -24.85 5.20
N GLU A 27 -17.83 -25.30 6.39
CA GLU A 27 -18.77 -26.07 7.25
C GLU A 27 -19.78 -25.13 7.90
N SER A 28 -19.50 -23.83 7.98
CA SER A 28 -20.45 -22.83 8.57
C SER A 28 -21.60 -22.59 7.59
N GLY A 29 -21.35 -22.82 6.31
CA GLY A 29 -22.31 -22.44 5.25
C GLY A 29 -22.51 -20.94 5.14
N TRP A 30 -21.62 -20.10 5.68
CA TRP A 30 -21.73 -18.62 5.64
C TRP A 30 -20.46 -18.06 5.00
N TYR A 31 -20.58 -17.52 3.80
CA TYR A 31 -19.40 -17.25 2.96
C TYR A 31 -19.09 -15.75 2.93
N LEU A 32 -20.01 -14.92 3.38
CA LEU A 32 -19.89 -13.46 3.35
C LEU A 32 -20.41 -12.89 4.67
N LEU A 33 -19.92 -11.75 5.06
CA LEU A 33 -20.56 -10.93 6.13
C LEU A 33 -20.71 -11.77 7.40
N GLY A 34 -19.67 -12.49 7.78
CA GLY A 34 -19.80 -13.49 8.85
C GLY A 34 -18.78 -13.32 9.97
N GLU A 35 -18.56 -14.39 10.71
CA GLU A 35 -17.75 -14.33 11.96
C GLU A 35 -16.28 -14.14 11.60
N LYS A 36 -15.82 -14.67 10.48
CA LYS A 36 -14.36 -14.53 10.16
C LYS A 36 -14.08 -13.05 9.83
N ASN A 37 -14.97 -12.39 9.08
CA ASN A 37 -14.85 -10.94 8.81
C ASN A 37 -14.89 -10.16 10.12
N LYS A 38 -15.81 -10.51 11.03
CA LYS A 38 -15.92 -9.74 12.29
C LYS A 38 -14.59 -9.89 13.04
N ALA A 39 -14.06 -11.10 13.16
CA ALA A 39 -12.84 -11.33 13.95
C ALA A 39 -11.65 -10.63 13.28
N PHE A 40 -11.54 -10.75 11.97
CA PHE A 40 -10.42 -10.11 11.25
C PHE A 40 -10.49 -8.60 11.42
N GLU A 41 -11.66 -7.98 11.20
CA GLU A 41 -11.80 -6.52 11.38
C GLU A 41 -11.35 -6.11 12.79
N GLU A 42 -11.85 -6.83 13.80
CA GLU A 42 -11.50 -6.48 15.19
CA GLU A 42 -11.51 -6.54 15.21
C GLU A 42 -9.99 -6.58 15.36
N ASN A 43 -9.38 -7.64 14.84
CA ASN A 43 -7.93 -7.87 15.07
C ASN A 43 -7.10 -6.90 14.24
N PHE A 44 -7.52 -6.55 13.04
CA PHE A 44 -6.73 -5.60 12.22
C PHE A 44 -6.86 -4.17 12.77
N ALA A 45 -8.06 -3.80 13.24
CA ALA A 45 -8.21 -2.51 13.93
C ALA A 45 -7.26 -2.51 15.14
N LYS A 46 -7.28 -3.58 15.94
CA LYS A 46 -6.40 -3.60 17.12
C LYS A 46 -4.95 -3.45 16.68
N TYR A 47 -4.56 -4.14 15.60
CA TYR A 47 -3.16 -4.09 15.12
C TYR A 47 -2.79 -2.65 14.74
N CYS A 48 -3.68 -1.96 14.03
CA CYS A 48 -3.42 -0.57 13.60
C CYS A 48 -3.64 0.44 14.74
N GLU A 49 -4.27 0.00 15.83
CA GLU A 49 -4.70 0.81 17.00
C GLU A 49 -5.77 1.80 16.57
N THR A 50 -6.64 1.39 15.65
CA THR A 50 -7.85 2.16 15.31
C THR A 50 -9.06 1.54 16.01
N LYS A 51 -10.11 2.34 16.19
CA LYS A 51 -11.30 1.79 16.87
C LYS A 51 -12.07 0.86 15.93
N PHE A 52 -11.99 1.10 14.62
CA PHE A 52 -12.83 0.39 13.63
C PHE A 52 -12.00 -0.07 12.43
N SER A 53 -12.47 -1.15 11.81
CA SER A 53 -12.00 -1.58 10.48
C SER A 53 -13.20 -2.17 9.75
N VAL A 54 -13.25 -1.91 8.46
CA VAL A 54 -14.34 -2.44 7.59
C VAL A 54 -13.68 -3.14 6.42
N GLY A 55 -13.94 -4.43 6.29
CA GLY A 55 -13.43 -5.23 5.15
C GLY A 55 -14.09 -4.82 3.84
N CYS A 56 -13.36 -5.00 2.76
CA CYS A 56 -13.86 -4.72 1.39
C CYS A 56 -13.09 -5.60 0.40
N ALA A 57 -13.36 -5.40 -0.87
CA ALA A 57 -13.06 -6.39 -1.93
C ALA A 57 -11.59 -6.31 -2.35
N ASN A 58 -10.96 -5.13 -2.30
CA ASN A 58 -9.55 -4.95 -2.72
C ASN A 58 -9.10 -3.56 -2.30
N GLY A 59 -7.82 -3.25 -2.52
CA GLY A 59 -7.24 -1.95 -2.12
C GLY A 59 -7.74 -0.77 -2.92
N LEU A 60 -8.03 -0.94 -4.20
CA LEU A 60 -8.57 0.19 -4.97
C LEU A 60 -9.95 0.53 -4.42
N ASP A 61 -10.74 -0.53 -4.17
CA ASP A 61 -12.09 -0.34 -3.62
C ASP A 61 -11.98 0.33 -2.25
N ALA A 62 -10.98 -0.02 -1.45
CA ALA A 62 -10.82 0.64 -0.14
C ALA A 62 -10.71 2.17 -0.32
N LEU A 63 -9.85 2.59 -1.25
CA LEU A 63 -9.69 4.03 -1.55
C LEU A 63 -10.99 4.63 -2.11
N HIS A 64 -11.63 3.93 -3.04
N HIS A 64 -11.59 3.92 -3.08
CA HIS A 64 -12.91 4.40 -3.64
CA HIS A 64 -12.90 4.27 -3.69
C HIS A 64 -13.93 4.58 -2.52
C HIS A 64 -13.87 4.57 -2.53
N LEU A 65 -14.00 3.64 -1.59
CA LEU A 65 -14.99 3.75 -0.49
C LEU A 65 -14.68 4.97 0.37
N ALA A 66 -13.42 5.18 0.70
CA ALA A 66 -13.04 6.28 1.61
C ALA A 66 -13.44 7.60 0.95
N ILE A 67 -13.13 7.79 -0.33
CA ILE A 67 -13.44 9.07 -1.01
C ILE A 67 -14.95 9.23 -1.20
N ARG A 68 -15.59 8.19 -1.74
CA ARG A 68 -17.04 8.21 -2.02
C ARG A 68 -17.81 8.52 -0.73
N ALA A 69 -17.40 7.98 0.41
CA ALA A 69 -18.17 8.16 1.65
C ALA A 69 -18.16 9.61 2.11
N TYR A 70 -17.15 10.40 1.73
CA TYR A 70 -17.11 11.85 2.05
C TYR A 70 -18.12 12.64 1.22
N ASP A 71 -18.54 12.11 0.08
CA ASP A 71 -19.56 12.76 -0.77
C ASP A 71 -19.14 14.22 -1.01
N PHE A 72 -17.91 14.41 -1.49
CA PHE A 72 -17.42 15.78 -1.75
C PHE A 72 -18.16 16.39 -2.93
N PRO A 73 -18.23 17.75 -3.00
CA PRO A 73 -18.76 18.37 -4.21
C PRO A 73 -18.06 17.92 -5.49
N LYS A 74 -18.84 17.80 -6.57
CA LYS A 74 -18.35 17.19 -7.82
C LYS A 74 -17.16 17.97 -8.40
N ASP A 75 -16.95 19.25 -8.06
CA ASP A 75 -15.79 19.97 -8.67
C ASP A 75 -14.53 19.87 -7.79
N SER A 76 -14.55 19.00 -6.79
CA SER A 76 -13.48 18.91 -5.75
C SER A 76 -12.19 18.36 -6.36
N GLU A 77 -11.09 18.75 -5.74
CA GLU A 77 -9.72 18.29 -6.03
C GLU A 77 -9.21 17.44 -4.86
N ILE A 78 -8.42 16.44 -5.19
CA ILE A 78 -7.70 15.61 -4.20
C ILE A 78 -6.23 15.58 -4.62
N ILE A 79 -5.40 16.02 -3.70
CA ILE A 79 -3.92 15.96 -3.86
C ILE A 79 -3.47 14.51 -3.73
N VAL A 80 -2.53 14.11 -4.59
CA VAL A 80 -2.03 12.72 -4.60
C VAL A 80 -0.62 12.76 -5.15
N PRO A 81 0.30 11.88 -4.70
CA PRO A 81 1.66 11.85 -5.24
C PRO A 81 1.65 11.44 -6.70
N ALA A 82 2.51 12.10 -7.47
CA ALA A 82 2.62 11.84 -8.91
C ALA A 82 3.26 10.48 -9.22
N ASN A 83 4.00 9.86 -8.29
CA ASN A 83 4.88 8.72 -8.59
C ASN A 83 4.31 7.42 -7.99
N THR A 84 3.14 7.50 -7.35
CA THR A 84 2.50 6.29 -6.79
C THR A 84 2.07 5.32 -7.89
N TYR A 85 1.74 4.10 -7.48
CA TYR A 85 1.04 3.14 -8.36
C TYR A 85 -0.26 3.80 -8.81
N ILE A 86 -0.59 3.50 -10.06
CA ILE A 86 -1.71 4.21 -10.75
CA ILE A 86 -1.71 4.20 -10.76
C ILE A 86 -3.01 4.04 -9.96
N ALA A 87 -3.23 2.94 -9.23
CA ALA A 87 -4.51 2.77 -8.50
C ALA A 87 -4.81 3.92 -7.52
N SER A 88 -3.81 4.56 -6.90
CA SER A 88 -4.07 5.65 -5.92
C SER A 88 -4.79 6.77 -6.67
N ILE A 89 -4.42 6.98 -7.94
CA ILE A 89 -4.99 8.08 -8.76
C ILE A 89 -6.30 7.63 -9.39
N LEU A 90 -6.39 6.39 -9.83
CA LEU A 90 -7.64 5.83 -10.40
C LEU A 90 -8.78 6.02 -9.39
N ALA A 91 -8.53 5.83 -8.11
CA ALA A 91 -9.61 5.94 -7.11
C ALA A 91 -10.24 7.32 -7.17
N ILE A 92 -9.44 8.36 -7.32
CA ILE A 92 -9.96 9.75 -7.35
C ILE A 92 -10.76 9.92 -8.65
N SER A 93 -10.17 9.54 -9.79
CA SER A 93 -10.83 9.67 -11.11
C SER A 93 -12.17 8.92 -11.08
N ASN A 94 -12.18 7.72 -10.51
CA ASN A 94 -13.35 6.83 -10.56
C ASN A 94 -14.46 7.39 -9.67
N CYS A 95 -14.14 8.26 -8.72
CA CYS A 95 -15.14 8.98 -7.88
C CYS A 95 -15.63 10.26 -8.55
N GLY A 96 -15.13 10.54 -9.76
CA GLY A 96 -15.54 11.72 -10.55
C GLY A 96 -14.85 12.99 -10.09
N LEU A 97 -13.77 12.87 -9.32
CA LEU A 97 -13.07 14.04 -8.78
C LEU A 97 -11.75 14.27 -9.52
N LYS A 98 -11.13 15.41 -9.25
CA LYS A 98 -9.93 15.83 -10.00
C LYS A 98 -8.69 15.52 -9.19
N PRO A 99 -7.82 14.59 -9.64
CA PRO A 99 -6.53 14.37 -9.01
C PRO A 99 -5.59 15.54 -9.31
N ILE A 100 -4.90 15.97 -8.27
CA ILE A 100 -3.89 17.07 -8.38
C ILE A 100 -2.59 16.44 -7.94
N LEU A 101 -1.67 16.28 -8.89
N LEU A 101 -1.68 16.23 -8.88
CA LEU A 101 -0.41 15.54 -8.68
CA LEU A 101 -0.45 15.44 -8.62
C LEU A 101 0.62 16.43 -8.00
C LEU A 101 0.64 16.36 -8.06
N VAL A 102 1.33 15.86 -7.04
CA VAL A 102 2.48 16.53 -6.38
C VAL A 102 3.69 15.60 -6.42
N GLU A 103 4.85 16.14 -6.75
CA GLU A 103 6.09 15.35 -6.85
C GLU A 103 6.46 14.75 -5.50
N PRO A 104 7.13 13.57 -5.53
CA PRO A 104 7.74 13.05 -4.32
C PRO A 104 9.04 13.81 -4.05
N ASN A 105 9.48 13.68 -2.81
CA ASN A 105 10.90 13.96 -2.45
C ASN A 105 11.76 12.84 -3.07
N LEU A 106 12.75 13.19 -3.88
CA LEU A 106 13.60 12.14 -4.49
C LEU A 106 14.24 11.27 -3.39
N GLU A 107 14.48 11.81 -2.19
CA GLU A 107 15.12 11.10 -1.06
C GLU A 107 14.20 10.05 -0.44
N THR A 108 12.89 10.16 -0.58
CA THR A 108 11.95 9.27 0.14
C THR A 108 11.09 8.46 -0.81
N TYR A 109 10.93 8.91 -2.05
CA TYR A 109 9.95 8.39 -3.04
C TYR A 109 8.49 8.60 -2.57
N ASN A 110 8.33 9.38 -1.51
CA ASN A 110 7.00 9.73 -0.94
C ASN A 110 6.72 11.22 -1.21
N ILE A 111 5.44 11.58 -1.21
CA ILE A 111 4.99 12.96 -1.47
C ILE A 111 5.84 13.98 -0.70
N ASP A 112 6.29 15.03 -1.40
CA ASP A 112 7.04 16.12 -0.76
C ASP A 112 6.01 17.08 -0.14
N ALA A 113 5.86 17.06 1.18
CA ALA A 113 4.83 17.86 1.87
C ALA A 113 5.06 19.35 1.63
N ASP A 114 6.31 19.77 1.40
CA ASP A 114 6.71 21.16 1.14
C ASP A 114 6.40 21.56 -0.31
N LEU A 115 5.81 20.68 -1.13
CA LEU A 115 5.30 21.05 -2.48
C LEU A 115 3.78 21.03 -2.54
N ILE A 116 3.11 20.57 -1.49
CA ILE A 116 1.62 20.44 -1.54
C ILE A 116 0.91 21.80 -1.55
N GLU A 117 1.32 22.75 -0.69
CA GLU A 117 0.51 23.95 -0.44
C GLU A 117 0.36 24.71 -1.75
N ALA A 118 1.40 24.73 -2.58
CA ALA A 118 1.37 25.48 -3.85
C ALA A 118 0.23 25.00 -4.75
N LYS A 119 -0.23 23.77 -4.54
CA LYS A 119 -1.29 23.19 -5.41
C LYS A 119 -2.65 23.14 -4.71
N ILE A 120 -2.75 23.61 -3.48
CA ILE A 120 -4.07 23.72 -2.78
C ILE A 120 -4.85 24.89 -3.36
N THR A 121 -6.14 24.65 -3.61
CA THR A 121 -7.10 25.66 -4.10
C THR A 121 -8.32 25.60 -3.20
N GLU A 122 -9.29 26.46 -3.46
CA GLU A 122 -10.55 26.41 -2.68
C GLU A 122 -11.29 25.10 -3.02
N LYS A 123 -10.92 24.40 -4.10
CA LYS A 123 -11.59 23.13 -4.43
C LYS A 123 -10.95 21.92 -3.76
N THR A 124 -9.76 22.09 -3.17
CA THR A 124 -9.09 20.92 -2.54
C THR A 124 -9.92 20.41 -1.36
N LYS A 125 -10.18 19.12 -1.28
CA LYS A 125 -10.94 18.56 -0.15
C LYS A 125 -10.17 17.47 0.60
N ALA A 126 -9.12 16.90 0.02
CA ALA A 126 -8.43 15.79 0.69
C ALA A 126 -7.03 15.66 0.11
N ILE A 127 -6.19 14.93 0.84
CA ILE A 127 -4.83 14.52 0.42
C ILE A 127 -4.82 12.99 0.53
N VAL A 128 -4.50 12.32 -0.57
CA VAL A 128 -4.19 10.87 -0.52
C VAL A 128 -2.69 10.75 -0.30
N VAL A 129 -2.26 10.44 0.92
N VAL A 129 -2.35 10.18 0.84
CA VAL A 129 -0.82 10.14 1.18
CA VAL A 129 -0.95 10.05 1.33
C VAL A 129 -0.64 8.66 0.87
C VAL A 129 -0.51 8.61 1.08
N VAL A 130 0.44 8.36 0.18
CA VAL A 130 0.82 6.95 -0.14
C VAL A 130 2.12 6.62 0.57
N HIS A 131 2.10 5.55 1.36
CA HIS A 131 3.30 5.04 2.07
C HIS A 131 4.01 4.12 1.09
N LEU A 132 4.74 4.70 0.13
CA LEU A 132 5.19 3.92 -1.03
C LEU A 132 6.35 2.99 -0.67
N TYR A 133 6.31 1.76 -1.20
CA TYR A 133 7.35 0.72 -1.09
C TYR A 133 7.44 0.13 0.32
N GLY A 134 6.65 0.62 1.28
CA GLY A 134 6.70 0.19 2.69
C GLY A 134 7.16 1.28 3.63
N GLN A 135 7.47 2.49 3.12
CA GLN A 135 7.98 3.57 3.98
C GLN A 135 6.82 4.49 4.35
N ALA A 136 6.63 4.72 5.65
CA ALA A 136 5.64 5.70 6.13
C ALA A 136 6.02 7.11 5.69
N VAL A 137 5.05 7.85 5.15
CA VAL A 137 5.19 9.29 4.87
C VAL A 137 5.42 10.03 6.19
N GLU A 138 6.38 10.93 6.17
CA GLU A 138 6.58 11.83 7.32
C GLU A 138 5.38 12.77 7.38
N MET A 139 4.58 12.71 8.43
CA MET A 139 3.24 13.32 8.35
C MET A 139 3.19 14.75 8.91
N GLU A 140 4.21 15.23 9.64
N GLU A 140 4.19 15.21 9.65
CA GLU A 140 4.06 16.48 10.44
CA GLU A 140 4.07 16.48 10.40
C GLU A 140 3.56 17.62 9.55
C GLU A 140 3.54 17.60 9.52
N LYS A 141 4.13 17.83 8.35
CA LYS A 141 3.71 18.97 7.52
C LYS A 141 2.38 18.67 6.82
N ILE A 142 2.08 17.42 6.57
CA ILE A 142 0.75 17.05 6.02
C ILE A 142 -0.35 17.34 7.06
N TRP A 143 -0.11 16.95 8.30
CA TRP A 143 -1.08 17.26 9.39
C TRP A 143 -1.31 18.77 9.45
N GLU A 144 -0.26 19.55 9.46
CA GLU A 144 -0.36 21.01 9.51
C GLU A 144 -1.20 21.50 8.32
N LEU A 145 -0.87 21.17 7.08
CA LEU A 145 -1.61 21.71 5.93
C LEU A 145 -3.04 21.19 5.91
N ALA A 146 -3.26 19.93 6.26
CA ALA A 146 -4.62 19.35 6.24
C ALA A 146 -5.51 20.17 7.16
N LYS A 147 -5.01 20.53 8.33
CA LYS A 147 -5.84 21.26 9.31
C LYS A 147 -6.00 22.71 8.86
N LYS A 148 -4.93 23.32 8.38
CA LYS A 148 -4.98 24.72 7.89
C LYS A 148 -6.12 24.86 6.89
N TYR A 149 -6.30 23.88 6.01
CA TYR A 149 -7.29 24.00 4.92
C TYR A 149 -8.52 23.10 5.16
N ASN A 150 -8.66 22.50 6.34
CA ASN A 150 -9.78 21.59 6.67
C ASN A 150 -9.88 20.47 5.61
N LEU A 151 -8.75 19.86 5.23
CA LEU A 151 -8.69 18.72 4.29
C LEU A 151 -8.76 17.40 5.04
N LYS A 152 -9.35 16.38 4.41
CA LYS A 152 -9.27 15.01 4.96
C LYS A 152 -7.96 14.39 4.51
N ILE A 153 -7.37 13.56 5.38
CA ILE A 153 -6.20 12.73 5.02
C ILE A 153 -6.65 11.28 4.84
N ILE A 154 -6.43 10.78 3.64
CA ILE A 154 -6.78 9.41 3.23
C ILE A 154 -5.44 8.71 3.00
N GLU A 155 -5.12 7.73 3.83
CA GLU A 155 -3.83 7.02 3.69
C GLU A 155 -3.97 5.85 2.73
N ASP A 156 -3.11 5.79 1.73
CA ASP A 156 -3.03 4.56 0.91
C ASP A 156 -1.93 3.69 1.50
N CYS A 157 -2.37 2.69 2.26
CA CYS A 157 -1.49 1.80 3.07
C CYS A 157 -1.22 0.48 2.37
N ALA A 158 -1.56 0.36 1.10
CA ALA A 158 -1.49 -0.92 0.36
C ALA A 158 -0.11 -1.56 0.43
N GLN A 159 0.94 -0.76 0.50
CA GLN A 159 2.33 -1.27 0.48
C GLN A 159 3.02 -1.22 1.84
N ALA A 160 2.34 -0.91 2.94
CA ALA A 160 3.06 -0.49 4.16
C ALA A 160 2.50 -1.06 5.47
N HIS A 161 1.78 -2.19 5.40
CA HIS A 161 1.17 -2.81 6.59
C HIS A 161 2.19 -2.83 7.73
N GLY A 162 1.88 -2.19 8.85
CA GLY A 162 2.69 -2.25 10.08
C GLY A 162 3.74 -1.15 10.19
N ALA A 163 3.99 -0.35 9.16
CA ALA A 163 4.95 0.76 9.27
C ALA A 163 4.49 1.75 10.35
N ILE A 164 5.47 2.42 10.99
N ILE A 164 5.43 2.42 11.02
CA ILE A 164 5.29 3.32 12.16
CA ILE A 164 5.13 3.33 12.16
C ILE A 164 5.80 4.73 11.82
C ILE A 164 5.82 4.68 11.94
N TYR A 165 5.08 5.76 12.23
CA TYR A 165 5.57 7.15 12.27
C TYR A 165 5.14 7.76 13.61
N GLN A 166 6.11 8.31 14.34
CA GLN A 166 5.81 8.97 15.64
C GLN A 166 4.94 8.06 16.51
N GLY A 167 5.31 6.79 16.59
CA GLY A 167 4.70 5.77 17.46
C GLY A 167 3.30 5.36 17.03
N LYS A 168 2.83 5.82 15.86
CA LYS A 168 1.49 5.42 15.35
C LYS A 168 1.66 4.59 14.07
N LYS A 169 0.84 3.56 13.92
CA LYS A 169 0.83 2.72 12.70
C LYS A 169 0.20 3.43 11.51
N VAL A 170 0.72 3.17 10.32
CA VAL A 170 0.02 3.53 9.07
C VAL A 170 -1.39 2.93 9.20
N GLY A 171 -2.37 3.72 8.80
CA GLY A 171 -3.80 3.45 8.94
C GLY A 171 -4.37 4.20 10.12
N ASN A 172 -3.52 4.76 10.97
CA ASN A 172 -3.90 5.59 12.15
C ASN A 172 -3.17 6.93 12.09
N LEU A 173 -2.84 7.41 10.89
CA LEU A 173 -2.09 8.68 10.72
C LEU A 173 -2.94 9.76 10.05
N GLY A 174 -4.20 9.49 9.74
CA GLY A 174 -5.07 10.49 9.13
C GLY A 174 -6.50 10.27 9.53
N ASP A 175 -7.42 10.55 8.64
CA ASP A 175 -8.86 10.38 8.92
C ASP A 175 -9.23 8.93 8.65
N ILE A 176 -8.64 8.31 7.63
CA ILE A 176 -9.04 6.93 7.22
C ILE A 176 -7.83 6.30 6.53
N GLY A 177 -7.59 5.03 6.81
CA GLY A 177 -6.53 4.28 6.14
C GLY A 177 -7.16 3.24 5.24
N CYS A 178 -6.51 3.00 4.11
CA CYS A 178 -7.03 2.11 3.04
C CYS A 178 -5.96 1.05 2.78
N PHE A 179 -6.34 -0.22 2.80
CA PHE A 179 -5.39 -1.33 2.70
C PHE A 179 -5.81 -2.23 1.55
N SER A 180 -4.80 -2.72 0.85
CA SER A 180 -4.85 -3.91 -0.01
C SER A 180 -4.39 -5.15 0.76
N PHE A 181 -5.05 -6.27 0.51
CA PHE A 181 -4.54 -7.59 0.93
C PHE A 181 -4.33 -8.48 -0.30
N TYR A 182 -4.03 -7.85 -1.42
CA TYR A 182 -3.64 -8.59 -2.64
C TYR A 182 -2.55 -9.59 -2.26
N PRO A 183 -2.49 -10.78 -2.89
CA PRO A 183 -1.62 -11.85 -2.40
C PRO A 183 -0.14 -11.48 -2.24
N GLY A 184 0.37 -10.53 -3.04
CA GLY A 184 1.78 -10.10 -2.98
C GLY A 184 2.07 -9.10 -1.86
N LYS A 185 1.07 -8.60 -1.13
CA LYS A 185 1.31 -7.54 -0.14
C LYS A 185 1.93 -8.15 1.12
N ASN A 186 2.41 -7.30 2.01
CA ASN A 186 3.10 -7.76 3.24
C ASN A 186 2.15 -8.59 4.10
N LEU A 187 0.83 -8.34 4.03
CA LEU A 187 -0.20 -9.28 4.56
C LEU A 187 -1.10 -9.63 3.38
N GLY A 188 -0.93 -10.81 2.82
CA GLY A 188 -1.59 -11.19 1.57
C GLY A 188 -2.67 -12.23 1.81
N ALA A 189 -3.76 -12.08 1.06
CA ALA A 189 -4.82 -13.10 0.97
C ALA A 189 -4.47 -14.11 -0.11
N LEU A 190 -5.39 -15.03 -0.40
CA LEU A 190 -5.30 -16.02 -1.48
C LEU A 190 -6.38 -15.70 -2.51
N GLY A 191 -6.48 -14.41 -2.82
CA GLY A 191 -7.49 -13.80 -3.69
C GLY A 191 -7.44 -12.32 -3.46
N ASP A 192 -8.36 -11.57 -4.03
CA ASP A 192 -8.42 -10.12 -3.78
C ASP A 192 -9.06 -9.84 -2.43
N GLY A 193 -8.60 -8.79 -1.75
CA GLY A 193 -9.24 -8.34 -0.52
C GLY A 193 -8.65 -7.03 -0.05
N GLY A 194 -9.35 -6.33 0.84
CA GLY A 194 -8.95 -4.99 1.28
C GLY A 194 -9.65 -4.64 2.58
N CYS A 195 -9.34 -3.48 3.14
CA CYS A 195 -10.14 -2.94 4.25
C CYS A 195 -9.86 -1.46 4.36
N ILE A 196 -10.68 -0.79 5.16
CA ILE A 196 -10.35 0.55 5.70
C ILE A 196 -10.20 0.45 7.21
N THR A 197 -9.45 1.39 7.77
CA THR A 197 -9.30 1.60 9.22
C THR A 197 -9.66 3.03 9.55
N THR A 198 -10.32 3.25 10.69
CA THR A 198 -10.70 4.62 11.07
C THR A 198 -11.07 4.63 12.55
N ASN A 199 -10.97 5.81 13.16
CA ASN A 199 -11.50 6.03 14.53
C ASN A 199 -12.88 6.67 14.45
N ASP A 200 -13.35 7.04 13.27
CA ASP A 200 -14.64 7.77 13.12
C ASP A 200 -15.76 6.72 12.96
N GLU A 201 -16.56 6.47 14.00
CA GLU A 201 -17.61 5.42 13.96
C GLU A 201 -18.61 5.72 12.85
N GLU A 202 -18.94 6.99 12.62
CA GLU A 202 -19.97 7.34 11.61
C GLU A 202 -19.44 7.03 10.21
N MET A 203 -18.17 7.33 9.95
CA MET A 203 -17.58 6.98 8.62
C MET A 203 -17.49 5.45 8.49
N ALA A 204 -17.07 4.73 9.52
CA ALA A 204 -16.98 3.25 9.46
C ALA A 204 -18.36 2.68 9.09
N THR A 205 -19.41 3.13 9.77
CA THR A 205 -20.80 2.67 9.51
C THR A 205 -21.20 3.02 8.07
N LYS A 206 -20.94 4.23 7.60
CA LYS A 206 -21.35 4.65 6.25
C LYS A 206 -20.64 3.80 5.20
N ILE A 207 -19.35 3.55 5.40
N ILE A 207 -19.34 3.54 5.41
CA ILE A 207 -18.56 2.72 4.44
CA ILE A 207 -18.57 2.72 4.43
C ILE A 207 -19.09 1.28 4.44
C ILE A 207 -19.07 1.28 4.45
N ARG A 208 -19.34 0.71 5.62
CA ARG A 208 -19.89 -0.66 5.73
C ARG A 208 -21.21 -0.71 4.95
N ALA A 209 -22.07 0.30 5.09
CA ALA A 209 -23.32 0.38 4.30
C ALA A 209 -23.02 0.45 2.81
N ILE A 210 -22.19 1.40 2.38
CA ILE A 210 -21.96 1.64 0.94
C ILE A 210 -21.38 0.37 0.30
N ALA A 211 -20.51 -0.33 1.02
CA ALA A 211 -19.83 -1.52 0.46
C ALA A 211 -20.78 -2.69 0.31
N ASN A 212 -21.94 -2.63 0.99
CA ASN A 212 -22.97 -3.69 0.90
C ASN A 212 -24.23 -3.13 0.23
N TYR A 213 -24.08 -2.60 -0.99
CA TYR A 213 -25.16 -2.07 -1.85
C TYR A 213 -25.78 -0.82 -1.22
N GLY A 214 -25.23 -0.26 -0.14
CA GLY A 214 -25.85 0.88 0.56
C GLY A 214 -26.77 0.42 1.68
N SER A 215 -26.75 -0.87 2.04
CA SER A 215 -27.72 -1.48 2.99
C SER A 215 -27.04 -1.90 4.30
N LEU A 216 -27.54 -1.44 5.45
CA LEU A 216 -27.23 -2.08 6.74
C LEU A 216 -28.38 -2.96 7.23
N ILE A 217 -29.59 -2.65 6.82
CA ILE A 217 -30.82 -3.36 7.29
C ILE A 217 -31.35 -4.07 6.06
N LYS A 218 -31.65 -5.35 6.21
CA LYS A 218 -32.20 -6.15 5.10
C LYS A 218 -33.40 -5.46 4.47
N TYR A 219 -33.38 -5.43 3.15
CA TYR A 219 -34.41 -4.85 2.25
C TYR A 219 -34.29 -3.32 2.09
N GLU A 220 -33.41 -2.64 2.82
CA GLU A 220 -33.36 -1.17 2.85
C GLU A 220 -32.01 -0.68 2.34
N ASN A 221 -32.01 0.35 1.51
CA ASN A 221 -30.76 0.95 0.96
C ASN A 221 -30.75 2.40 1.40
N ILE A 222 -29.83 2.74 2.30
CA ILE A 222 -29.64 4.13 2.79
C ILE A 222 -28.98 4.95 1.69
N TYR A 223 -27.98 4.38 1.06
CA TYR A 223 -27.10 5.05 0.07
C TYR A 223 -27.13 4.31 -1.26
N LYS A 224 -26.81 5.03 -2.31
CA LYS A 224 -26.47 4.35 -3.58
C LYS A 224 -25.15 3.63 -3.32
N GLY A 225 -25.14 2.32 -3.29
CA GLY A 225 -23.90 1.61 -2.89
C GLY A 225 -23.22 0.91 -4.04
N LEU A 226 -22.15 0.22 -3.63
CA LEU A 226 -21.27 -0.64 -4.46
C LEU A 226 -21.44 -2.05 -3.90
N ASN A 227 -20.73 -3.00 -4.50
CA ASN A 227 -20.63 -4.35 -3.91
C ASN A 227 -19.14 -4.59 -3.70
N SER A 228 -18.68 -4.41 -2.45
CA SER A 228 -17.24 -4.49 -2.16
C SER A 228 -17.06 -5.19 -0.82
N ARG A 229 -17.04 -6.51 -0.83
CA ARG A 229 -16.94 -7.33 0.39
C ARG A 229 -15.68 -8.18 0.38
N LEU A 230 -15.25 -8.52 1.60
CA LEU A 230 -14.14 -9.45 1.85
C LEU A 230 -14.76 -10.82 2.09
N ASP A 231 -14.38 -11.81 1.29
CA ASP A 231 -14.94 -13.18 1.46
C ASP A 231 -14.55 -13.72 2.85
N GLU A 232 -15.44 -14.49 3.47
CA GLU A 232 -15.12 -15.15 4.75
C GLU A 232 -13.84 -15.99 4.61
N ILE A 233 -13.65 -16.73 3.51
CA ILE A 233 -12.42 -17.57 3.36
C ILE A 233 -11.19 -16.66 3.44
N GLN A 234 -11.24 -15.50 2.79
CA GLN A 234 -10.04 -14.62 2.78
C GLN A 234 -9.86 -13.95 4.14
N ALA A 235 -10.94 -13.49 4.80
CA ALA A 235 -10.81 -12.92 6.15
C ALA A 235 -10.19 -13.94 7.08
N ALA A 236 -10.58 -15.21 6.96
CA ALA A 236 -10.05 -16.27 7.86
C ALA A 236 -8.54 -16.41 7.66
N ILE A 237 -8.12 -16.42 6.40
CA ILE A 237 -6.68 -16.60 6.09
C ILE A 237 -5.92 -15.35 6.56
N LEU A 238 -6.46 -14.16 6.32
CA LEU A 238 -5.79 -12.93 6.79
C LEU A 238 -5.65 -12.91 8.30
N ASP A 239 -6.67 -13.38 9.02
CA ASP A 239 -6.64 -13.29 10.49
C ASP A 239 -5.54 -14.24 10.98
N LEU A 240 -5.41 -15.41 10.38
CA LEU A 240 -4.34 -16.29 10.89
C LEU A 240 -2.96 -15.73 10.52
N LYS A 241 -2.81 -15.12 9.35
CA LYS A 241 -1.49 -14.58 8.88
C LYS A 241 -1.13 -13.32 9.67
N LEU A 242 -2.11 -12.56 10.16
CA LEU A 242 -1.84 -11.28 10.85
C LEU A 242 -0.95 -11.53 12.09
N GLN A 243 -1.12 -12.68 12.73
CA GLN A 243 -0.35 -13.03 13.94
C GLN A 243 1.15 -13.00 13.63
N PHE A 244 1.53 -13.14 12.36
CA PHE A 244 2.95 -13.32 11.97
C PHE A 244 3.44 -12.09 11.21
N LEU A 245 2.60 -11.03 11.08
CA LEU A 245 2.95 -9.90 10.19
C LEU A 245 4.20 -9.19 10.70
N ASP A 246 4.29 -8.90 12.00
CA ASP A 246 5.48 -8.17 12.52
C ASP A 246 6.73 -9.01 12.27
N ALA A 247 6.66 -10.31 12.54
CA ALA A 247 7.81 -11.22 12.33
C ALA A 247 8.18 -11.26 10.84
N ASP A 248 7.21 -11.33 9.93
CA ASP A 248 7.46 -11.36 8.48
C ASP A 248 8.12 -10.03 8.08
N ASN A 249 7.61 -8.93 8.61
CA ASN A 249 8.17 -7.60 8.26
C ASN A 249 9.62 -7.53 8.75
N GLN A 250 9.89 -8.09 9.94
CA GLN A 250 11.27 -8.07 10.50
C GLN A 250 12.20 -8.90 9.60
N GLN A 251 11.72 -10.06 9.13
N GLN A 251 11.76 -10.05 9.10
CA GLN A 251 12.45 -10.95 8.18
CA GLN A 251 12.60 -10.87 8.19
C GLN A 251 12.78 -10.16 6.91
C GLN A 251 12.84 -10.09 6.89
N ARG A 252 11.80 -9.42 6.34
CA ARG A 252 12.06 -8.51 5.21
C ARG A 252 13.16 -7.52 5.59
N ARG A 253 13.00 -6.88 6.74
CA ARG A 253 13.96 -5.83 7.17
C ARG A 253 15.40 -6.41 7.21
N GLU A 254 15.55 -7.68 7.57
CA GLU A 254 16.90 -8.30 7.67
CA GLU A 254 16.89 -8.35 7.66
C GLU A 254 17.49 -8.50 6.27
N ILE A 255 16.66 -8.79 5.25
CA ILE A 255 17.15 -8.81 3.85
C ILE A 255 17.56 -7.39 3.45
N ALA A 256 16.70 -6.41 3.72
CA ALA A 256 17.03 -5.01 3.40
C ALA A 256 18.36 -4.62 4.03
N LYS A 257 18.59 -5.07 5.25
CA LYS A 257 19.82 -4.72 6.02
C LYS A 257 21.03 -5.24 5.25
N ILE A 258 20.96 -6.50 4.79
CA ILE A 258 22.04 -7.10 3.95
C ILE A 258 22.29 -6.23 2.71
N TYR A 259 21.25 -5.87 1.97
CA TYR A 259 21.43 -5.05 0.78
C TYR A 259 22.03 -3.68 1.13
N ARG A 260 21.51 -3.04 2.18
CA ARG A 260 21.89 -1.66 2.54
C ARG A 260 23.35 -1.62 3.02
N GLU A 261 23.81 -2.70 3.65
CA GLU A 261 25.18 -2.73 4.20
C GLU A 261 26.18 -3.31 3.20
N ASN A 262 25.75 -4.12 2.22
CA ASN A 262 26.73 -4.91 1.43
C ASN A 262 26.76 -4.50 -0.05
N ILE A 263 25.79 -3.75 -0.54
CA ILE A 263 25.87 -3.15 -1.89
C ILE A 263 26.75 -1.92 -1.79
N LYS A 264 27.82 -1.96 -2.56
CA LYS A 264 28.88 -0.92 -2.60
C LYS A 264 29.17 -0.68 -4.08
N ASN A 265 28.29 0.08 -4.68
CA ASN A 265 28.36 0.39 -6.13
C ASN A 265 27.90 1.84 -6.20
N GLU A 266 28.83 2.76 -6.44
CA GLU A 266 28.54 4.21 -6.44
C GLU A 266 27.47 4.52 -7.51
N LYS A 267 27.24 3.66 -8.49
CA LYS A 267 26.26 3.96 -9.59
C LYS A 267 24.88 3.46 -9.20
N ILE A 268 24.72 2.92 -8.00
CA ILE A 268 23.40 2.42 -7.53
C ILE A 268 23.01 3.17 -6.26
N ILE A 269 21.80 3.71 -6.28
CA ILE A 269 21.31 4.50 -5.13
C ILE A 269 20.36 3.61 -4.32
N LEU A 270 20.71 3.44 -3.05
CA LEU A 270 19.98 2.54 -2.12
C LEU A 270 18.92 3.31 -1.36
N PRO A 271 17.84 2.60 -0.96
CA PRO A 271 16.83 3.19 -0.10
C PRO A 271 17.35 3.42 1.32
N LYS A 272 16.94 4.54 1.90
CA LYS A 272 17.47 4.99 3.21
C LYS A 272 16.31 5.52 4.03
N PRO A 273 15.65 4.68 4.85
CA PRO A 273 14.59 5.20 5.71
C PRO A 273 15.12 6.09 6.84
N TYR A 274 14.31 7.06 7.23
CA TYR A 274 14.64 8.03 8.30
C TYR A 274 14.66 7.35 9.68
N GLU A 275 13.85 6.31 9.89
CA GLU A 275 13.82 5.50 11.13
C GLU A 275 13.57 4.07 10.69
N GLU A 276 14.12 3.08 11.40
CA GLU A 276 13.99 1.69 10.93
C GLU A 276 12.53 1.23 10.99
N GLU A 277 11.78 1.67 12.00
N GLU A 277 11.80 1.60 12.04
CA GLU A 277 10.37 1.22 12.19
CA GLU A 277 10.43 1.06 12.25
C GLU A 277 9.44 1.88 11.15
C GLU A 277 9.50 1.63 11.18
N SER A 278 9.94 2.83 10.37
N SER A 278 9.94 2.66 10.45
CA SER A 278 9.12 3.53 9.35
CA SER A 278 9.11 3.42 9.48
C SER A 278 9.04 2.70 8.07
C SER A 278 9.18 2.80 8.09
N HIS A 279 9.85 1.64 7.94
CA HIS A 279 9.93 0.92 6.65
C HIS A 279 9.66 -0.56 6.93
N VAL A 280 8.65 -1.13 6.28
CA VAL A 280 8.39 -2.59 6.35
C VAL A 280 8.81 -3.28 5.05
N TRP A 281 9.41 -2.59 4.08
CA TRP A 281 10.17 -3.32 3.03
C TRP A 281 9.24 -4.22 2.24
N HIS A 282 8.10 -3.68 1.80
CA HIS A 282 7.30 -4.35 0.76
C HIS A 282 8.11 -4.49 -0.51
N LEU A 283 8.83 -3.42 -0.89
CA LEU A 283 9.66 -3.42 -2.11
C LEU A 283 11.00 -2.86 -1.68
N PHE A 284 12.06 -3.44 -2.24
CA PHE A 284 13.42 -2.90 -2.03
C PHE A 284 13.85 -2.26 -3.35
N VAL A 285 13.78 -0.94 -3.39
CA VAL A 285 13.86 -0.19 -4.67
C VAL A 285 15.22 0.52 -4.73
N ILE A 286 15.97 0.16 -5.77
CA ILE A 286 17.25 0.84 -6.08
C ILE A 286 17.06 1.74 -7.30
N ARG A 287 17.96 2.71 -7.49
CA ARG A 287 17.98 3.51 -8.72
C ARG A 287 19.36 3.39 -9.40
N THR A 288 19.32 3.34 -10.71
CA THR A 288 20.56 3.38 -11.52
C THR A 288 20.27 3.97 -12.89
N LYS A 289 21.28 4.57 -13.52
CA LYS A 289 21.13 5.15 -14.87
C LYS A 289 20.95 4.09 -15.94
N ASP A 290 21.42 2.87 -15.74
CA ASP A 290 21.38 1.84 -16.81
C ASP A 290 20.40 0.75 -16.38
N ARG A 291 19.17 1.15 -16.04
CA ARG A 291 18.25 0.25 -15.31
C ARG A 291 17.91 -0.99 -16.14
N ASP A 292 17.58 -0.83 -17.42
CA ASP A 292 17.20 -1.98 -18.26
C ASP A 292 18.40 -2.92 -18.45
N LYS A 293 19.60 -2.38 -18.63
CA LYS A 293 20.84 -3.20 -18.74
C LYS A 293 21.08 -3.94 -17.42
N LEU A 294 20.88 -3.28 -16.28
CA LEU A 294 21.09 -3.94 -14.96
C LEU A 294 20.08 -5.09 -14.81
N GLN A 295 18.82 -4.89 -15.20
CA GLN A 295 17.79 -5.93 -15.03
C GLN A 295 18.20 -7.16 -15.85
N GLU A 296 18.69 -6.95 -17.08
CA GLU A 296 19.06 -8.07 -17.97
C GLU A 296 20.29 -8.80 -17.43
N TYR A 297 21.28 -8.05 -16.92
CA TYR A 297 22.47 -8.62 -16.28
C TYR A 297 22.06 -9.50 -15.10
N LEU A 298 21.17 -8.98 -14.26
CA LEU A 298 20.75 -9.74 -13.06
C LEU A 298 20.04 -11.02 -13.51
N LYS A 299 19.21 -10.92 -14.56
CA LYS A 299 18.48 -12.11 -15.07
C LYS A 299 19.51 -13.14 -15.53
N ILE A 300 20.54 -12.72 -16.26
CA ILE A 300 21.62 -13.68 -16.70
C ILE A 300 22.30 -14.29 -15.48
N LYS A 301 22.40 -13.55 -14.38
CA LYS A 301 23.00 -14.06 -13.13
C LYS A 301 21.99 -14.82 -12.26
N GLY A 302 20.79 -15.10 -12.75
CA GLY A 302 19.85 -15.96 -12.04
C GLY A 302 19.02 -15.23 -10.99
N ILE A 303 18.82 -13.93 -11.18
CA ILE A 303 18.13 -13.10 -10.17
C ILE A 303 16.91 -12.45 -10.83
N GLN A 304 15.72 -12.80 -10.39
CA GLN A 304 14.49 -12.22 -10.99
C GLN A 304 14.23 -10.87 -10.34
N THR A 305 13.90 -9.86 -11.14
CA THR A 305 13.52 -8.51 -10.66
C THR A 305 12.25 -8.05 -11.38
N LEU A 306 11.58 -7.09 -10.78
CA LEU A 306 10.42 -6.40 -11.36
C LEU A 306 10.70 -4.92 -11.18
N ILE A 307 9.93 -4.11 -11.90
CA ILE A 307 10.04 -2.63 -11.88
C ILE A 307 8.79 -2.06 -11.25
N HIS A 308 8.99 -1.25 -10.23
CA HIS A 308 7.91 -0.52 -9.54
C HIS A 308 8.26 0.96 -9.56
N TYR A 309 7.98 1.69 -10.64
CA TYR A 309 7.26 1.29 -11.85
C TYR A 309 7.99 1.96 -13.03
N PRO A 310 7.88 1.44 -14.27
CA PRO A 310 8.59 2.05 -15.40
C PRO A 310 7.87 3.16 -16.14
N ILE A 311 6.54 3.22 -16.03
CA ILE A 311 5.73 4.26 -16.74
C ILE A 311 4.88 4.96 -15.69
N PRO A 312 5.07 6.27 -15.50
CA PRO A 312 4.28 6.97 -14.49
C PRO A 312 2.86 7.18 -14.99
N PRO A 313 1.92 7.35 -14.04
CA PRO A 313 0.51 7.54 -14.41
C PRO A 313 0.27 8.59 -15.49
N HIS A 314 0.90 9.77 -15.36
CA HIS A 314 0.63 10.85 -16.33
C HIS A 314 1.12 10.51 -17.74
N LYS A 315 1.95 9.50 -17.93
CA LYS A 315 2.43 9.05 -19.25
C LYS A 315 1.65 7.86 -19.80
N GLN A 316 0.69 7.34 -19.05
CA GLN A 316 -0.13 6.20 -19.50
C GLN A 316 -1.19 6.65 -20.50
N ASN A 317 -1.59 5.74 -21.38
CA ASN A 317 -2.73 6.02 -22.30
C ASN A 317 -3.98 6.34 -21.50
N ALA A 318 -4.15 5.70 -20.35
CA ALA A 318 -5.29 5.93 -19.42
C ALA A 318 -5.42 7.42 -19.08
N TYR A 319 -4.29 8.11 -18.95
CA TYR A 319 -4.24 9.55 -18.60
C TYR A 319 -3.65 10.33 -19.79
N LYS A 320 -4.10 9.99 -21.00
CA LYS A 320 -3.57 10.61 -22.25
C LYS A 320 -3.54 12.15 -22.12
N GLU A 321 -4.57 12.70 -21.51
CA GLU A 321 -4.76 14.16 -21.33
C GLU A 321 -3.59 14.76 -20.54
N TRP A 322 -2.81 13.95 -19.83
CA TRP A 322 -1.72 14.48 -18.98
C TRP A 322 -0.35 14.19 -19.60
N ASN A 323 -0.30 13.59 -20.80
CA ASN A 323 0.95 12.98 -21.30
C ASN A 323 2.00 14.06 -21.57
N ASN A 324 1.58 15.31 -21.77
CA ASN A 324 2.56 16.40 -22.04
C ASN A 324 2.85 17.21 -20.78
N LEU A 325 2.26 16.87 -19.64
CA LEU A 325 2.66 17.54 -18.37
C LEU A 325 4.05 17.05 -17.97
N SER A 326 4.76 17.93 -17.26
CA SER A 326 6.14 17.71 -16.85
C SER A 326 6.18 17.46 -15.34
N PHE A 327 6.58 16.26 -14.94
CA PHE A 327 6.88 15.89 -13.55
C PHE A 327 8.25 15.25 -13.57
N PRO A 328 9.30 16.06 -13.70
CA PRO A 328 10.62 15.50 -13.97
C PRO A 328 11.18 14.60 -12.87
N ILE A 329 10.81 14.84 -11.61
CA ILE A 329 11.33 13.96 -10.52
C ILE A 329 10.66 12.59 -10.67
N THR A 330 9.34 12.58 -10.77
CA THR A 330 8.61 11.32 -11.05
C THR A 330 9.15 10.62 -12.31
N GLU A 331 9.35 11.34 -13.41
CA GLU A 331 9.83 10.75 -14.66
C GLU A 331 11.20 10.10 -14.44
N LYS A 332 12.10 10.81 -13.79
CA LYS A 332 13.44 10.27 -13.48
C LYS A 332 13.30 8.98 -12.67
N ILE A 333 12.51 8.97 -11.61
CA ILE A 333 12.36 7.77 -10.75
C ILE A 333 11.93 6.62 -11.66
N HIS A 334 10.94 6.83 -12.51
CA HIS A 334 10.38 5.74 -13.33
C HIS A 334 11.41 5.23 -14.34
N LYS A 335 12.36 6.06 -14.75
CA LYS A 335 13.42 5.61 -15.69
C LYS A 335 14.52 4.83 -14.97
N GLU A 336 14.64 4.97 -13.66
CA GLU A 336 15.85 4.52 -12.93
C GLU A 336 15.55 3.39 -11.94
N VAL A 337 14.30 3.14 -11.54
CA VAL A 337 14.04 2.20 -10.41
C VAL A 337 14.08 0.74 -10.86
N LEU A 338 14.55 -0.10 -9.97
CA LEU A 338 14.45 -1.56 -10.06
C LEU A 338 14.24 -2.13 -8.67
N SER A 339 13.40 -3.16 -8.55
CA SER A 339 13.09 -3.81 -7.25
C SER A 339 13.87 -5.13 -7.16
N LEU A 340 14.59 -5.28 -6.06
CA LEU A 340 15.38 -6.50 -5.78
C LEU A 340 14.50 -7.49 -5.02
N PRO A 341 14.77 -8.80 -5.16
CA PRO A 341 14.00 -9.76 -4.39
C PRO A 341 13.98 -9.42 -2.91
N ILE A 342 12.82 -9.54 -2.26
CA ILE A 342 12.71 -9.40 -0.79
C ILE A 342 11.39 -10.02 -0.36
N SER A 343 11.41 -10.75 0.74
CA SER A 343 10.20 -11.39 1.29
C SER A 343 10.55 -11.95 2.64
N PRO A 344 9.53 -12.39 3.41
CA PRO A 344 9.81 -13.00 4.69
C PRO A 344 10.48 -14.37 4.65
N VAL A 345 10.50 -15.00 3.47
CA VAL A 345 10.98 -16.40 3.36
C VAL A 345 12.25 -16.44 2.52
N MET A 346 12.74 -15.30 2.08
CA MET A 346 13.95 -15.30 1.22
C MET A 346 15.17 -15.70 2.07
N ASN A 347 16.01 -16.58 1.54
CA ASN A 347 17.25 -17.03 2.21
C ASN A 347 18.26 -15.87 2.20
N LYS A 348 18.83 -15.61 3.35
CA LYS A 348 19.80 -14.50 3.51
C LYS A 348 21.07 -14.71 2.66
N GLU A 349 21.46 -15.96 2.46
CA GLU A 349 22.67 -16.17 1.62
C GLU A 349 22.36 -15.71 0.15
N GLU A 350 21.13 -15.78 -0.32
CA GLU A 350 20.78 -15.23 -1.67
C GLU A 350 20.96 -13.70 -1.69
N ALA A 351 20.66 -13.02 -0.60
CA ALA A 351 20.83 -11.56 -0.55
C ALA A 351 22.32 -11.17 -0.62
N PHE A 352 23.17 -11.94 0.05
CA PHE A 352 24.64 -11.70 -0.05
C PHE A 352 25.12 -11.96 -1.48
N TYR A 353 24.64 -13.01 -2.11
CA TYR A 353 24.94 -13.32 -3.53
C TYR A 353 24.55 -12.12 -4.41
N ILE A 354 23.31 -11.63 -4.21
CA ILE A 354 22.79 -10.50 -5.03
C ILE A 354 23.65 -9.25 -4.79
N ALA A 355 23.98 -8.95 -3.54
CA ALA A 355 24.79 -7.76 -3.20
C ALA A 355 26.12 -7.84 -3.94
N GLN A 356 26.81 -8.98 -3.88
CA GLN A 356 28.12 -9.06 -4.58
C GLN A 356 27.94 -9.03 -6.11
N ILE A 357 26.89 -9.64 -6.66
CA ILE A 357 26.64 -9.54 -8.11
C ILE A 357 26.42 -8.06 -8.49
N LEU A 358 25.67 -7.31 -7.70
CA LEU A 358 25.48 -5.86 -8.00
C LEU A 358 26.82 -5.13 -7.95
N ASN A 359 27.71 -5.53 -7.04
CA ASN A 359 29.00 -4.83 -6.91
C ASN A 359 29.87 -5.13 -8.13
N GLU A 360 29.64 -6.27 -8.76
CA GLU A 360 30.40 -6.67 -9.97
C GLU A 360 29.86 -5.99 -11.22
N PHE A 361 28.71 -5.31 -11.15
CA PHE A 361 28.15 -4.60 -12.32
C PHE A 361 29.00 -3.36 -12.64
N LEU A 362 29.47 -2.64 -11.62
CA LEU A 362 30.38 -1.46 -11.69
C LEU A 362 31.66 -1.86 -12.43
#